data_4FLG
#
_entry.id   4FLG
#
_cell.length_a   58.080
_cell.length_b   86.300
_cell.length_c   46.350
_cell.angle_alpha   90.00
_cell.angle_beta   90.00
_cell.angle_gamma   90.00
#
_symmetry.space_group_name_H-M   'P 21 21 2'
#
loop_
_entity.id
_entity.type
_entity.pdbx_description
1 polymer 'HIV-1 protease'
2 polymer 'HIV-1 protease, fragment'
3 polymer 'HIV-1 protease, fragment'
4 polymer 'HIV-1 protease, fragment'
5 non-polymer 'GLUTAMIC ACID'
6 non-polymer ISOLEUCINE
7 non-polymer 'SODIUM ION'
8 non-polymer 'CHLORIDE ION'
9 non-polymer GLYCEROL
10 water water
#
loop_
_entity_poly.entity_id
_entity_poly.type
_entity_poly.pdbx_seq_one_letter_code
_entity_poly.pdbx_strand_id
1 'polypeptide(L)'
;PQITLWKRPLVTIKIGGQLKEALLDTGADDTVIEEMSLPGRWKPKMVGGIGGFIKVRQYDQIIIEIAGHKAIGTVLVGPT
PVNIIGRNLLTQIGATLNF
;
B,A
2 'polypeptide(L)' DQII C
3 'polypeptide(L)' QII E
4 'polypeptide(L)' IEI F
#
loop_
_chem_comp.id
_chem_comp.type
_chem_comp.name
_chem_comp.formula
CL non-polymer 'CHLORIDE ION' 'Cl -1'
GOL non-polymer GLYCEROL 'C3 H8 O3'
NA non-polymer 'SODIUM ION' 'Na 1'
#
# COMPACT_ATOMS: atom_id res chain seq x y z
N PRO A 1 14.88 11.22 -4.71
CA PRO A 1 14.99 10.37 -5.89
C PRO A 1 13.69 10.15 -6.65
N GLN A 2 13.81 9.51 -7.81
CA GLN A 2 12.67 9.00 -8.52
C GLN A 2 12.76 7.49 -8.45
N ILE A 3 11.71 6.93 -7.85
CA ILE A 3 11.66 5.49 -7.65
C ILE A 3 10.61 4.86 -8.59
N THR A 4 11.11 3.97 -9.48
CA THR A 4 10.20 3.25 -10.34
C THR A 4 9.59 2.09 -9.56
N LEU A 5 8.57 1.50 -10.16
CA LEU A 5 7.76 0.58 -9.40
C LEU A 5 7.83 -0.81 -9.97
N TRP A 6 8.88 -1.08 -10.75
CA TRP A 6 9.14 -2.43 -11.22
C TRP A 6 9.36 -3.41 -10.08
N LYS A 7 9.96 -2.94 -8.99
CA LYS A 7 10.10 -3.80 -7.81
C LYS A 7 9.52 -3.05 -6.62
N ARG A 8 9.41 -3.74 -5.50
CA ARG A 8 8.90 -3.10 -4.28
C ARG A 8 9.76 -1.91 -3.91
N PRO A 9 9.13 -0.75 -3.60
CA PRO A 9 9.91 0.44 -3.21
C PRO A 9 10.36 0.42 -1.77
N LEU A 10 11.43 -0.32 -1.53
CA LEU A 10 12.02 -0.49 -0.22
C LEU A 10 13.15 0.50 0.01
N VAL A 11 13.17 1.06 1.22
CA VAL A 11 14.19 2.01 1.63
C VAL A 11 14.66 1.65 3.02
N THR A 12 15.82 2.19 3.39
CA THR A 12 16.33 2.09 4.76
C THR A 12 15.78 3.26 5.56
N ILE A 13 15.32 2.90 6.76
CA ILE A 13 14.87 3.88 7.74
C ILE A 13 15.73 3.73 9.01
N LYS A 14 15.74 4.80 9.80
CA LYS A 14 16.32 4.78 11.13
C LYS A 14 15.21 5.23 12.08
N ILE A 15 14.94 4.36 13.05
CA ILE A 15 13.86 4.56 13.99
C ILE A 15 14.33 3.98 15.32
N GLY A 16 14.16 4.72 16.41
CA GLY A 16 14.55 4.29 17.71
C GLY A 16 15.99 3.82 17.78
N GLY A 17 16.87 4.42 17.02
CA GLY A 17 18.26 4.06 17.00
C GLY A 17 18.60 2.84 16.19
N GLN A 18 17.64 2.25 15.51
CA GLN A 18 17.78 1.03 14.74
C GLN A 18 17.60 1.30 13.26
N LEU A 19 18.35 0.61 12.44
CA LEU A 19 18.15 0.56 11.03
C LEU A 19 17.20 -0.60 10.68
N LYS A 20 16.24 -0.24 9.84
CA LYS A 20 15.30 -1.21 9.31
C LYS A 20 15.05 -0.94 7.82
N GLU A 21 14.57 -1.96 7.13
CA GLU A 21 14.07 -1.79 5.77
C GLU A 21 12.57 -1.60 5.82
N ALA A 22 12.01 -0.72 5.02
CA ALA A 22 10.60 -0.46 5.01
C ALA A 22 10.12 -0.14 3.60
N LEU A 23 8.85 -0.40 3.37
CA LEU A 23 8.17 -0.21 2.09
C LEU A 23 7.47 1.12 2.05
N LEU A 24 7.74 1.93 1.01
CA LEU A 24 7.01 3.17 0.82
C LEU A 24 5.62 2.86 0.27
N ASP A 25 4.58 3.10 1.05
CA ASP A 25 3.25 2.55 0.78
C ASP A 25 2.17 3.62 0.71
N THR A 26 1.87 4.03 -0.53
CA THR A 26 0.85 5.05 -0.73
C THR A 26 -0.55 4.57 -0.38
N GLY A 27 -0.73 3.24 -0.30
CA GLY A 27 -2.03 2.71 0.09
C GLY A 27 -2.26 2.65 1.56
N ALA A 28 -1.31 3.02 2.40
CA ALA A 28 -1.44 2.97 3.85
C ALA A 28 -1.63 4.34 4.42
N ASP A 29 -2.64 4.49 5.28
CA ASP A 29 -2.84 5.75 5.97
C ASP A 29 -1.73 6.00 6.99
N ASP A 30 -1.29 4.91 7.60
CA ASP A 30 -0.50 4.88 8.78
C ASP A 30 0.84 4.18 8.50
N THR A 31 1.81 4.43 9.36
CA THR A 31 3.13 3.81 9.40
C THR A 31 3.13 2.70 10.43
N VAL A 32 3.48 1.47 10.01
CA VAL A 32 3.38 0.30 10.87
C VAL A 32 4.72 -0.45 10.80
N ILE A 33 5.34 -0.62 11.96
CA ILE A 33 6.65 -1.23 12.13
C ILE A 33 6.51 -2.49 12.96
N GLU A 34 7.30 -3.50 12.62
CA GLU A 34 7.43 -4.73 13.40
C GLU A 34 7.84 -4.44 14.84
N GLU A 35 7.63 -5.43 15.69
CA GLU A 35 7.85 -5.24 17.10
C GLU A 35 9.22 -4.69 17.43
N MET A 36 9.21 -3.64 18.26
CA MET A 36 10.35 -2.92 18.73
C MET A 36 9.86 -2.07 19.90
N SER A 37 10.84 -1.60 20.66
CA SER A 37 10.56 -0.64 21.73
CA SER A 37 10.69 -0.63 21.73
C SER A 37 10.75 0.79 21.22
N LEU A 38 9.85 1.67 21.64
CA LEU A 38 9.93 3.07 21.39
C LEU A 38 9.67 3.83 22.70
N PRO A 39 10.26 5.01 22.87
CA PRO A 39 10.06 5.76 24.11
C PRO A 39 8.69 6.45 24.17
N GLY A 40 8.28 6.79 25.38
CA GLY A 40 7.06 7.53 25.68
C GLY A 40 5.82 6.66 25.80
N ARG A 41 4.71 7.38 25.79
CA ARG A 41 3.43 6.73 26.02
C ARG A 41 2.91 6.13 24.73
N TRP A 42 2.00 5.18 24.90
CA TRP A 42 1.33 4.58 23.77
C TRP A 42 -0.11 4.23 24.14
N LYS A 43 -0.90 3.98 23.07
CA LYS A 43 -2.25 3.50 23.31
C LYS A 43 -2.58 2.45 22.27
N PRO A 44 -3.48 1.55 22.61
CA PRO A 44 -3.78 0.48 21.66
C PRO A 44 -4.65 0.96 20.51
N LYS A 45 -4.49 0.28 19.37
CA LYS A 45 -5.19 0.59 18.15
C LYS A 45 -5.40 -0.68 17.33
N MET A 46 -6.45 -0.74 16.55
CA MET A 46 -6.60 -1.78 15.55
CA MET A 46 -6.57 -1.78 15.55
C MET A 46 -6.40 -1.20 14.16
N VAL A 47 -5.58 -1.82 13.33
CA VAL A 47 -5.50 -1.33 11.95
CA VAL A 47 -5.29 -1.41 11.97
C VAL A 47 -5.72 -2.51 11.02
N GLY A 48 -6.38 -2.21 9.91
CA GLY A 48 -6.85 -3.21 9.01
C GLY A 48 -6.34 -3.03 7.60
N GLY A 49 -6.54 -4.13 6.88
CA GLY A 49 -6.24 -4.09 5.45
C GLY A 49 -6.62 -5.45 4.92
N ILE A 50 -5.97 -5.89 3.83
CA ILE A 50 -6.31 -7.18 3.29
C ILE A 50 -6.00 -8.23 4.35
N GLY A 51 -6.94 -9.13 4.51
CA GLY A 51 -6.79 -10.17 5.49
C GLY A 51 -7.36 -9.78 6.82
N GLY A 52 -7.79 -8.57 7.11
CA GLY A 52 -8.36 -8.26 8.41
C GLY A 52 -7.51 -7.26 9.18
N PHE A 53 -7.63 -7.32 10.49
CA PHE A 53 -7.03 -6.38 11.42
C PHE A 53 -5.95 -6.99 12.30
N ILE A 54 -5.02 -6.12 12.70
CA ILE A 54 -4.06 -6.46 13.74
C ILE A 54 -4.12 -5.41 14.83
N LYS A 55 -3.81 -5.82 16.07
CA LYS A 55 -3.66 -4.91 17.17
C LYS A 55 -2.24 -4.36 17.23
N VAL A 56 -2.10 -3.07 17.41
CA VAL A 56 -0.83 -2.39 17.47
C VAL A 56 -0.77 -1.44 18.66
N ARG A 57 0.43 -0.99 19.00
CA ARG A 57 0.65 0.10 19.92
C ARG A 57 0.92 1.39 19.14
N GLN A 58 0.18 2.43 19.47
CA GLN A 58 0.34 3.72 18.79
C GLN A 58 1.20 4.67 19.61
N TYR A 59 2.34 5.08 19.05
CA TYR A 59 3.25 6.05 19.62
C TYR A 59 3.21 7.33 18.81
N ASP A 60 2.97 8.44 19.47
CA ASP A 60 2.94 9.71 18.78
C ASP A 60 4.29 10.44 18.93
N GLN A 61 4.50 11.36 17.99
CA GLN A 61 5.66 12.28 17.99
C GLN A 61 6.95 11.48 18.00
N ILE A 62 7.07 10.52 17.10
CA ILE A 62 8.30 9.74 16.93
C ILE A 62 9.06 10.24 15.72
N ILE A 63 10.37 10.44 15.89
CA ILE A 63 11.23 10.90 14.80
C ILE A 63 11.74 9.67 14.05
N ILE A 64 11.70 9.76 12.73
CA ILE A 64 12.21 8.69 11.88
CA ILE A 64 12.26 8.71 11.91
C ILE A 64 13.04 9.35 10.80
N GLU A 65 14.03 8.70 10.28
CA GLU A 65 14.77 9.13 9.12
C GLU A 65 14.48 8.13 7.98
N ILE A 66 13.98 8.63 6.88
CA ILE A 66 13.48 7.78 5.79
C ILE A 66 14.36 8.07 4.58
N ALA A 67 15.19 7.13 4.21
CA ALA A 67 16.11 7.31 3.09
C ALA A 67 16.80 8.66 3.20
N GLY A 68 17.21 8.98 4.42
CA GLY A 68 17.94 10.21 4.75
C GLY A 68 17.13 11.46 5.00
N HIS A 69 15.80 11.41 4.98
CA HIS A 69 14.95 12.56 5.21
CA HIS A 69 14.97 12.57 5.23
C HIS A 69 14.27 12.41 6.57
N LYS A 70 14.42 13.39 7.47
CA LYS A 70 13.82 13.29 8.80
C LYS A 70 12.36 13.72 8.79
N ALA A 71 11.57 12.97 9.52
CA ALA A 71 10.18 13.32 9.68
C ALA A 71 9.74 12.97 11.09
N ILE A 72 8.66 13.59 11.56
CA ILE A 72 8.08 13.24 12.85
C ILE A 72 6.62 12.90 12.66
N GLY A 73 6.16 11.89 13.40
CA GLY A 73 4.75 11.54 13.34
C GLY A 73 4.46 10.32 14.20
N THR A 74 3.26 9.80 13.98
CA THR A 74 2.76 8.64 14.69
C THR A 74 3.34 7.37 14.05
N VAL A 75 3.79 6.44 14.87
CA VAL A 75 4.23 5.16 14.42
C VAL A 75 3.48 4.08 15.18
N LEU A 76 2.92 3.13 14.44
CA LEU A 76 2.21 1.99 14.99
C LEU A 76 3.16 0.80 15.03
N VAL A 77 3.21 0.07 16.13
CA VAL A 77 4.12 -1.04 16.31
C VAL A 77 3.34 -2.32 16.58
N GLY A 78 3.62 -3.35 15.79
CA GLY A 78 2.86 -4.60 16.02
C GLY A 78 3.21 -5.61 14.98
N PRO A 79 2.46 -6.71 14.89
CA PRO A 79 2.85 -7.84 14.06
C PRO A 79 2.51 -7.68 12.60
N THR A 80 3.03 -6.68 11.98
CA THR A 80 2.88 -6.45 10.53
C THR A 80 3.85 -7.34 9.76
N PRO A 81 3.46 -7.92 8.62
CA PRO A 81 4.38 -8.78 7.89
C PRO A 81 5.52 -8.05 7.20
N VAL A 82 5.36 -6.74 7.00
CA VAL A 82 6.27 -5.86 6.30
CA VAL A 82 6.46 -5.94 6.46
C VAL A 82 6.33 -4.55 7.06
N ASN A 83 7.45 -3.89 7.26
CA ASN A 83 7.50 -2.52 7.77
C ASN A 83 7.00 -1.60 6.67
N ILE A 84 6.04 -0.77 6.99
CA ILE A 84 5.47 0.12 5.97
CA ILE A 84 5.33 0.11 6.09
C ILE A 84 5.49 1.57 6.44
N ILE A 85 5.92 2.43 5.54
CA ILE A 85 5.87 3.87 5.67
C ILE A 85 4.61 4.34 4.92
N GLY A 86 3.66 4.85 5.74
CA GLY A 86 2.42 5.27 5.15
C GLY A 86 2.33 6.78 4.93
N ARG A 87 1.17 7.24 4.50
CA ARG A 87 1.03 8.60 4.04
C ARG A 87 1.35 9.62 5.12
N ASN A 88 1.07 9.28 6.38
CA ASN A 88 1.35 10.24 7.46
C ASN A 88 2.80 10.69 7.51
N LEU A 89 3.73 9.86 7.07
CA LEU A 89 5.13 10.24 6.98
C LEU A 89 5.59 10.50 5.56
N LEU A 90 4.98 9.89 4.56
CA LEU A 90 5.34 10.17 3.17
C LEU A 90 5.12 11.65 2.85
N THR A 91 4.04 12.25 3.35
CA THR A 91 3.85 13.65 3.09
C THR A 91 4.98 14.48 3.64
N GLN A 92 5.53 14.11 4.77
CA GLN A 92 6.52 14.97 5.42
C GLN A 92 7.86 14.98 4.71
N ILE A 93 8.14 13.93 3.95
CA ILE A 93 9.35 13.91 3.16
C ILE A 93 9.12 14.42 1.76
N GLY A 94 7.91 14.88 1.44
CA GLY A 94 7.53 15.45 0.19
C GLY A 94 7.34 14.45 -0.92
N ALA A 95 6.94 13.23 -0.61
CA ALA A 95 6.73 12.21 -1.62
C ALA A 95 5.44 12.42 -2.38
N THR A 96 5.53 12.26 -3.70
CA THR A 96 4.41 12.30 -4.59
C THR A 96 4.41 11.13 -5.57
N LEU A 97 3.23 10.81 -6.08
CA LEU A 97 3.07 9.91 -7.21
C LEU A 97 2.93 10.69 -8.50
N ASN A 98 3.65 10.27 -9.52
CA ASN A 98 3.74 11.04 -10.75
C ASN A 98 3.54 10.14 -11.95
N PHE A 99 2.67 10.54 -12.86
CA PHE A 99 2.49 9.82 -14.10
C PHE A 99 1.89 10.75 -15.16
N PRO B 1 -0.13 13.56 -14.14
CA PRO B 1 -0.33 14.40 -12.97
C PRO B 1 0.64 14.08 -11.83
N GLN B 2 0.64 15.00 -10.87
CA GLN B 2 1.36 14.85 -9.63
C GLN B 2 0.32 14.72 -8.51
N ILE B 3 0.37 13.59 -7.81
CA ILE B 3 -0.57 13.31 -6.74
C ILE B 3 0.16 13.36 -5.41
N THR B 4 -0.24 14.30 -4.56
CA THR B 4 0.30 14.40 -3.20
C THR B 4 -0.46 13.45 -2.32
N LEU B 5 0.01 13.28 -1.11
CA LEU B 5 -0.45 12.15 -0.27
C LEU B 5 -1.12 12.60 1.02
N TRP B 6 -1.58 13.84 1.04
CA TRP B 6 -2.27 14.38 2.19
C TRP B 6 -3.65 13.73 2.31
N LYS B 7 -4.24 13.28 1.23
CA LYS B 7 -5.46 12.47 1.21
CA LYS B 7 -5.41 12.43 1.32
C LYS B 7 -5.14 11.12 0.57
N ARG B 8 -6.04 10.16 0.69
CA ARG B 8 -5.82 8.90 -0.01
C ARG B 8 -5.78 9.12 -1.51
N PRO B 9 -4.83 8.50 -2.24
CA PRO B 9 -4.74 8.64 -3.68
C PRO B 9 -5.75 7.82 -4.45
N LEU B 10 -7.00 8.26 -4.33
CA LEU B 10 -8.15 7.62 -4.97
C LEU B 10 -8.34 8.21 -6.37
N VAL B 11 -8.50 7.34 -7.34
CA VAL B 11 -8.78 7.76 -8.70
C VAL B 11 -9.96 6.96 -9.24
N THR B 12 -10.49 7.40 -10.37
CA THR B 12 -11.51 6.66 -11.06
C THR B 12 -10.86 5.70 -12.05
N ILE B 13 -11.36 4.46 -12.07
CA ILE B 13 -10.98 3.46 -13.02
C ILE B 13 -12.17 3.05 -13.84
N LYS B 14 -11.94 2.43 -14.99
CA LYS B 14 -13.00 1.89 -15.79
C LYS B 14 -12.62 0.43 -16.16
N ILE B 15 -13.51 -0.47 -15.80
CA ILE B 15 -13.29 -1.91 -16.05
C ILE B 15 -14.65 -2.48 -16.43
N GLY B 16 -14.74 -3.29 -17.51
CA GLY B 16 -16.03 -3.83 -17.91
C GLY B 16 -17.03 -2.73 -18.21
N GLY B 17 -16.61 -1.56 -18.62
CA GLY B 17 -17.47 -0.45 -19.04
C GLY B 17 -18.04 0.30 -17.86
N GLN B 18 -17.57 -0.11 -16.66
CA GLN B 18 -18.08 0.53 -15.47
C GLN B 18 -17.02 1.33 -14.76
N LEU B 19 -17.45 2.46 -14.22
CA LEU B 19 -16.58 3.29 -13.42
C LEU B 19 -16.57 2.82 -11.98
N LYS B 20 -15.39 2.80 -11.37
CA LYS B 20 -15.20 2.45 -9.98
C LYS B 20 -14.14 3.39 -9.42
N GLU B 21 -14.04 3.48 -8.10
CA GLU B 21 -12.97 4.18 -7.41
C GLU B 21 -11.91 3.19 -7.00
N ALA B 22 -10.65 3.56 -7.08
CA ALA B 22 -9.56 2.66 -6.64
C ALA B 22 -8.41 3.50 -6.10
N LEU B 23 -7.60 2.88 -5.25
CA LEU B 23 -6.49 3.46 -4.55
C LEU B 23 -5.19 3.13 -5.27
N LEU B 24 -4.39 4.13 -5.62
CA LEU B 24 -3.07 3.90 -6.19
C LEU B 24 -2.15 3.46 -5.06
N ASP B 25 -1.70 2.21 -5.12
CA ASP B 25 -1.07 1.58 -3.95
C ASP B 25 0.32 1.04 -4.25
N THR B 26 1.36 1.81 -3.95
CA THR B 26 2.73 1.37 -4.19
C THR B 26 3.17 0.22 -3.30
N GLY B 27 2.43 -0.04 -2.22
CA GLY B 27 2.65 -1.18 -1.35
C GLY B 27 2.07 -2.47 -1.79
N ALA B 28 1.37 -2.50 -2.90
CA ALA B 28 0.70 -3.66 -3.42
C ALA B 28 1.43 -4.17 -4.67
N ASP B 29 1.83 -5.45 -4.64
CA ASP B 29 2.39 -6.05 -5.83
C ASP B 29 1.42 -6.09 -7.00
N ASP B 30 0.19 -6.36 -6.67
CA ASP B 30 -0.87 -6.74 -7.59
C ASP B 30 -2.08 -5.84 -7.38
N THR B 31 -2.93 -5.84 -8.38
CA THR B 31 -4.20 -5.11 -8.43
C THR B 31 -5.32 -6.01 -7.95
N VAL B 32 -6.11 -5.54 -6.97
CA VAL B 32 -7.15 -6.34 -6.34
C VAL B 32 -8.42 -5.50 -6.36
N ILE B 33 -9.48 -6.06 -6.96
CA ILE B 33 -10.77 -5.43 -7.12
CA ILE B 33 -10.74 -5.37 -6.98
C ILE B 33 -11.83 -6.24 -6.42
N GLU B 34 -12.81 -5.54 -5.87
N GLU B 34 -12.83 -5.54 -5.88
CA GLU B 34 -14.02 -6.10 -5.31
CA GLU B 34 -13.94 -6.25 -5.26
C GLU B 34 -14.74 -7.02 -6.28
C GLU B 34 -14.72 -7.05 -6.28
N GLU B 35 -15.53 -7.94 -5.74
CA GLU B 35 -16.29 -8.90 -6.52
C GLU B 35 -17.00 -8.22 -7.68
N MET B 36 -16.76 -8.76 -8.86
CA MET B 36 -17.35 -8.31 -10.12
C MET B 36 -17.19 -9.43 -11.12
N SER B 37 -17.90 -9.30 -12.22
CA SER B 37 -17.79 -10.21 -13.33
C SER B 37 -16.74 -9.77 -14.34
N LEU B 38 -15.86 -10.69 -14.65
CA LEU B 38 -14.84 -10.52 -15.66
C LEU B 38 -14.89 -11.72 -16.62
N PRO B 39 -14.48 -11.48 -17.85
CA PRO B 39 -14.49 -12.52 -18.86
C PRO B 39 -13.30 -13.45 -18.76
N GLY B 40 -13.55 -14.68 -19.27
CA GLY B 40 -12.45 -15.58 -19.34
C GLY B 40 -12.34 -16.52 -18.18
N ARG B 41 -11.30 -17.34 -18.26
CA ARG B 41 -10.98 -18.26 -17.18
C ARG B 41 -10.14 -17.56 -16.13
N TRP B 42 -10.25 -18.08 -14.92
CA TRP B 42 -9.44 -17.59 -13.82
C TRP B 42 -8.60 -18.71 -13.20
N LYS B 43 -7.57 -18.28 -12.48
CA LYS B 43 -6.64 -19.15 -11.78
CA LYS B 43 -6.71 -19.22 -11.77
C LYS B 43 -6.60 -18.77 -10.31
N PRO B 44 -6.23 -19.69 -9.45
CA PRO B 44 -6.24 -19.37 -8.02
C PRO B 44 -4.98 -18.64 -7.59
N LYS B 45 -5.16 -17.73 -6.62
CA LYS B 45 -4.03 -17.03 -6.05
C LYS B 45 -4.36 -16.69 -4.61
N MET B 46 -3.30 -16.66 -3.81
CA MET B 46 -3.36 -16.20 -2.43
CA MET B 46 -3.45 -16.14 -2.47
C MET B 46 -2.58 -14.89 -2.34
N VAL B 47 -3.16 -13.89 -1.69
CA VAL B 47 -2.32 -12.73 -1.44
C VAL B 47 -2.43 -12.32 0.02
N GLY B 48 -1.34 -11.75 0.47
CA GLY B 48 -1.15 -11.47 1.88
C GLY B 48 -1.16 -10.00 2.12
N GLY B 49 -1.79 -9.58 3.19
CA GLY B 49 -1.80 -8.19 3.57
C GLY B 49 -1.56 -8.09 5.06
N ILE B 50 -1.86 -6.92 5.57
CA ILE B 50 -1.56 -6.72 6.96
C ILE B 50 -2.24 -7.62 7.90
N GLY B 51 -3.47 -8.04 7.64
CA GLY B 51 -4.07 -8.96 8.61
C GLY B 51 -4.01 -10.45 8.32
N GLY B 52 -3.35 -10.88 7.25
CA GLY B 52 -3.30 -12.27 6.86
C GLY B 52 -3.54 -12.41 5.36
N PHE B 53 -3.83 -13.58 4.89
CA PHE B 53 -3.96 -13.93 3.51
C PHE B 53 -5.42 -14.12 3.14
N ILE B 54 -5.72 -13.81 1.88
CA ILE B 54 -7.04 -14.01 1.30
C ILE B 54 -6.92 -14.77 -0.02
N LYS B 55 -7.96 -15.52 -0.39
CA LYS B 55 -8.01 -16.17 -1.70
C LYS B 55 -8.62 -15.21 -2.69
N VAL B 56 -8.08 -15.14 -3.89
CA VAL B 56 -8.61 -14.29 -4.93
C VAL B 56 -8.70 -15.07 -6.24
N ARG B 57 -9.43 -14.56 -7.21
CA ARG B 57 -9.51 -15.11 -8.55
C ARG B 57 -8.60 -14.27 -9.46
N GLN B 58 -7.64 -14.91 -10.11
CA GLN B 58 -6.76 -14.20 -11.02
C GLN B 58 -7.23 -14.28 -12.45
N TYR B 59 -7.49 -13.10 -13.04
CA TYR B 59 -7.86 -12.91 -14.42
C TYR B 59 -6.73 -12.20 -15.14
N ASP B 60 -6.25 -12.77 -16.25
CA ASP B 60 -5.14 -12.13 -16.93
C ASP B 60 -5.63 -11.34 -18.12
N GLN B 61 -4.82 -10.38 -18.51
CA GLN B 61 -5.02 -9.66 -19.79
C GLN B 61 -6.38 -8.97 -19.84
N ILE B 62 -6.74 -8.28 -18.74
CA ILE B 62 -7.97 -7.50 -18.59
C ILE B 62 -7.71 -6.05 -18.96
N ILE B 63 -8.58 -5.50 -19.76
CA ILE B 63 -8.53 -4.08 -20.17
C ILE B 63 -9.10 -3.23 -19.03
N ILE B 64 -8.28 -2.25 -18.63
CA ILE B 64 -8.65 -1.38 -17.54
C ILE B 64 -8.07 0.00 -17.80
N GLU B 65 -8.89 1.01 -17.54
CA GLU B 65 -8.44 2.40 -17.65
C GLU B 65 -8.25 2.95 -16.24
N ILE B 66 -7.15 3.61 -15.97
CA ILE B 66 -6.81 4.10 -14.65
C ILE B 66 -6.56 5.60 -14.77
N ALA B 67 -7.43 6.41 -14.20
CA ALA B 67 -7.28 7.85 -14.31
C ALA B 67 -7.02 8.31 -15.73
N GLY B 68 -7.72 7.65 -16.67
CA GLY B 68 -7.64 8.01 -18.07
C GLY B 68 -6.54 7.30 -18.86
N HIS B 69 -5.69 6.54 -18.18
CA HIS B 69 -4.60 5.83 -18.81
C HIS B 69 -4.94 4.36 -19.04
N LYS B 70 -4.73 3.91 -20.27
CA LYS B 70 -5.08 2.55 -20.63
C LYS B 70 -4.03 1.57 -20.17
N ALA B 71 -4.52 0.47 -19.61
CA ALA B 71 -3.68 -0.64 -19.21
C ALA B 71 -4.36 -1.96 -19.61
N ILE B 72 -3.58 -3.01 -19.77
CA ILE B 72 -4.13 -4.35 -20.04
C ILE B 72 -3.30 -5.32 -19.22
N GLY B 73 -3.86 -5.95 -18.21
CA GLY B 73 -3.04 -6.77 -17.39
C GLY B 73 -3.85 -7.56 -16.38
N THR B 74 -3.15 -8.08 -15.37
CA THR B 74 -3.78 -8.99 -14.43
C THR B 74 -4.58 -8.27 -13.37
N VAL B 75 -5.78 -8.75 -13.15
CA VAL B 75 -6.66 -8.21 -12.12
C VAL B 75 -7.07 -9.37 -11.23
N LEU B 76 -6.90 -9.24 -9.95
CA LEU B 76 -7.31 -10.18 -8.93
C LEU B 76 -8.64 -9.70 -8.36
N VAL B 77 -9.58 -10.63 -8.21
CA VAL B 77 -10.90 -10.32 -7.69
C VAL B 77 -11.11 -11.04 -6.39
N GLY B 78 -11.49 -10.32 -5.33
CA GLY B 78 -11.67 -10.95 -4.01
C GLY B 78 -12.01 -9.87 -2.99
N PRO B 79 -12.10 -10.34 -1.75
CA PRO B 79 -12.57 -9.54 -0.62
C PRO B 79 -11.59 -8.53 -0.07
N THR B 80 -11.30 -7.54 -0.80
CA THR B 80 -10.45 -6.42 -0.44
C THR B 80 -11.28 -5.30 0.15
N PRO B 81 -10.71 -4.61 1.15
CA PRO B 81 -11.43 -3.48 1.73
C PRO B 81 -11.67 -2.31 0.80
N VAL B 82 -10.86 -2.13 -0.20
CA VAL B 82 -10.87 -1.04 -1.15
C VAL B 82 -10.28 -1.58 -2.44
N ASN B 83 -10.74 -1.10 -3.56
CA ASN B 83 -10.12 -1.47 -4.84
C ASN B 83 -8.70 -0.94 -4.84
N ILE B 84 -7.72 -1.74 -5.20
CA ILE B 84 -6.30 -1.41 -5.14
CA ILE B 84 -6.35 -1.25 -5.16
C ILE B 84 -5.66 -1.53 -6.51
N ILE B 85 -5.02 -0.46 -6.99
CA ILE B 85 -4.19 -0.55 -8.18
C ILE B 85 -2.78 -0.77 -7.69
N GLY B 86 -2.22 -1.94 -7.96
CA GLY B 86 -0.86 -2.23 -7.51
C GLY B 86 0.15 -2.04 -8.57
N ARG B 87 1.40 -2.47 -8.24
CA ARG B 87 2.51 -2.12 -9.10
C ARG B 87 2.42 -2.74 -10.48
N ASN B 88 1.78 -3.87 -10.67
CA ASN B 88 1.68 -4.47 -12.00
C ASN B 88 1.02 -3.52 -12.99
N LEU B 89 0.06 -2.70 -12.54
CA LEU B 89 -0.57 -1.71 -13.43
C LEU B 89 -0.02 -0.32 -13.24
N LEU B 90 0.51 0.00 -12.09
CA LEU B 90 1.14 1.31 -11.95
C LEU B 90 2.32 1.46 -12.90
N THR B 91 3.07 0.38 -13.14
CA THR B 91 4.15 0.45 -14.11
C THR B 91 3.64 0.64 -15.52
N GLN B 92 2.50 0.10 -15.89
CA GLN B 92 1.95 0.27 -17.22
C GLN B 92 1.53 1.71 -17.45
N ILE B 93 1.10 2.44 -16.42
CA ILE B 93 0.68 3.82 -16.63
C ILE B 93 1.84 4.79 -16.40
N GLY B 94 3.05 4.30 -16.12
CA GLY B 94 4.27 5.04 -15.99
C GLY B 94 4.41 5.77 -14.69
N ALA B 95 3.83 5.24 -13.62
CA ALA B 95 3.89 5.94 -12.31
C ALA B 95 5.20 5.72 -11.60
N THR B 96 5.69 6.79 -11.00
CA THR B 96 6.84 6.75 -10.14
C THR B 96 6.52 7.45 -8.82
N LEU B 97 7.30 7.08 -7.81
CA LEU B 97 7.30 7.84 -6.56
C LEU B 97 8.46 8.82 -6.54
N ASN B 98 8.26 10.03 -6.10
CA ASN B 98 9.31 11.06 -6.18
C ASN B 98 9.40 11.81 -4.87
N PHE B 99 10.65 11.99 -4.43
CA PHE B 99 10.85 12.89 -3.30
C PHE B 99 12.29 13.41 -3.32
N ASP C 1 2.54 -13.30 -2.77
CA ASP C 1 2.30 -11.90 -3.10
C ASP C 1 1.83 -11.10 -1.90
N GLN C 2 2.35 -9.89 -1.84
CA GLN C 2 2.11 -8.91 -0.81
C GLN C 2 1.22 -7.76 -1.30
N ILE C 3 0.06 -7.62 -0.67
CA ILE C 3 -0.80 -6.45 -0.88
C ILE C 3 -0.91 -5.69 0.43
N ILE C 4 -0.19 -4.56 0.48
CA ILE C 4 -0.36 -3.81 1.74
C ILE C 4 -0.43 -2.32 1.44
N GLN D 1 -6.70 2.58 7.58
CA GLN D 1 -6.79 1.46 6.63
C GLN D 1 -5.44 1.33 5.95
N ILE D 2 -4.73 0.20 6.13
CA ILE D 2 -3.38 0.00 5.63
C ILE D 2 -3.35 -1.12 4.57
N ILE D 3 -3.22 -0.70 3.30
CA ILE D 3 -3.25 -1.60 2.16
C ILE D 3 -1.98 -1.52 1.31
N ILE E 1 -0.69 -2.79 2.51
CA ILE E 1 0.22 -3.69 1.86
C ILE E 1 -0.58 -4.75 1.09
N GLU E 2 0.13 -5.32 0.13
CA GLU E 2 -0.35 -6.52 -0.54
C GLU E 2 0.80 -7.25 -1.23
N ILE E 3 0.88 -8.57 -1.07
CA ILE E 3 1.98 -9.31 -1.67
C ILE E 3 1.52 -10.66 -2.24
N GLU F . -3.75 -0.29 4.21
CA GLU F . -3.96 -0.12 5.63
C GLU F . -4.79 1.13 5.91
O GLU F . -4.50 2.29 5.57
CB GLU F . -2.63 -0.09 6.36
CG GLU F . -2.66 -0.12 7.88
CD GLU F . -2.69 1.31 8.43
OE1 GLU F . -2.95 1.46 9.65
OE2 GLU F . -2.51 2.20 7.54
N ILE G . -2.59 -2.09 1.26
CA ILE G . -3.22 -1.01 1.99
C ILE G . -3.22 -1.28 3.50
O ILE G . -2.80 -2.35 4.00
CB ILE G . -4.69 -0.86 1.55
CG1 ILE G . -5.55 -1.97 2.17
CG2 ILE G . -4.79 -0.75 0.07
CD1 ILE G . -6.48 -1.38 3.21
NA NA H . 5.11 10.02 22.09
CL CL I . 1.65 4.35 27.81
CL CL J . 16.61 7.28 15.36
CL CL K . 2.55 14.24 -0.52
CL CL L . -2.71 15.63 -5.45
C1 GOL M . -5.16 12.09 -11.61
O1 GOL M . -5.70 12.49 -12.82
C2 GOL M . -6.27 12.34 -10.59
O2 GOL M . -7.21 11.25 -10.88
C3 GOL M . -5.65 12.02 -9.23
O3 GOL M . -6.13 13.02 -8.33
C1 GOL N . -11.94 8.26 -17.07
O1 GOL N . -12.19 9.57 -16.79
C2 GOL N . -11.85 7.64 -15.69
O2 GOL N . -10.77 8.38 -15.00
C3 GOL N . -11.42 6.19 -15.92
O3 GOL N . -10.19 6.20 -16.61
#